data_6S0J
#
_entry.id   6S0J
#
_cell.length_a   52.943
_cell.length_b   69.604
_cell.length_c   57.751
_cell.angle_alpha   90.000
_cell.angle_beta   94.400
_cell.angle_gamma   90.000
#
_symmetry.space_group_name_H-M   'P 1 21 1'
#
loop_
_entity.id
_entity.type
_entity.pdbx_description
1 polymer 'Genome polyprotein'
2 non-polymer 'trifluoromagnesate monohydrate'
3 non-polymer 'MAGNESIUM ION'
4 non-polymer "ADENOSINE-5'-DIPHOSPHATE"
5 water water
#
_entity_poly.entity_id   1
_entity_poly.type   'polypeptide(L)'
_entity_poly.pdbx_seq_one_letter_code
;MGSSHHHHHHMLKKKQLTVLDLHPGAGKTRRVLPEIVREAIKTRLRTVILAPTRVVAAEMEEALRGLPVRYMTTAVNVTH
SGTEIVDLMCHATFTSRLLQPIRVPNYNLYIMDEAHFTDPSSIAARGYISTRVEMGEAAAIFMTATPPGTRDAFPDSNSP
IMDTEVEVPERAWSSGFDWVTDYSGKTVWFVPSVRNGNEIAACLTKAGKRVIQLSRKTFETEFQKTKHQEWDFVVTTDIS
EMGANFKADRVIDSRRCLKPVILDGERVILAGPMPVTHASAAQRRGRIGRNPNKPGDEYLYGGGCAETDEDHAHWLEARM
LLDNIYLQDGLIASLYRPEADKVAAIEGEFKLRTEQRKTFVELMKRGDLPVWLAYQVASAGITYTDRRWCFDGTTNNTIM
EDSVPAEVWTRHGEKRVLKPRWMDARVCSDHAALKSFKEFAAGKRGAAFGV
;
_entity_poly.pdbx_strand_id   A
#
# COMPACT_ATOMS: atom_id res chain seq x y z
N HIS A 5 -14.38 -26.11 10.63
CA HIS A 5 -14.30 -27.61 10.63
C HIS A 5 -14.95 -28.19 9.38
N HIS A 6 -14.85 -27.46 8.26
CA HIS A 6 -15.33 -27.86 6.92
C HIS A 6 -14.17 -27.61 5.95
N HIS A 7 -13.08 -28.35 6.13
CA HIS A 7 -11.85 -28.25 5.33
C HIS A 7 -12.13 -28.69 3.89
N HIS A 8 -11.73 -27.89 2.89
CA HIS A 8 -11.71 -28.27 1.45
C HIS A 8 -10.27 -28.54 1.01
N HIS A 9 -10.05 -29.61 0.25
CA HIS A 9 -8.75 -29.93 -0.40
C HIS A 9 -8.41 -28.85 -1.42
N HIS A 10 -7.14 -28.46 -1.45
CA HIS A 10 -6.50 -27.68 -2.53
C HIS A 10 -5.47 -28.61 -3.15
N MET A 11 -5.81 -29.25 -4.27
CA MET A 11 -4.84 -30.04 -5.07
C MET A 11 -3.88 -29.04 -5.71
N LEU A 12 -2.90 -28.57 -4.91
CA LEU A 12 -1.85 -27.57 -5.26
C LEU A 12 -0.92 -28.21 -6.32
N LYS A 13 -0.40 -27.45 -7.28
CA LYS A 13 0.60 -27.93 -8.29
C LYS A 13 1.63 -26.85 -8.60
N LYS A 14 2.92 -27.17 -8.56
CA LYS A 14 3.97 -26.26 -9.10
C LYS A 14 3.57 -25.99 -10.54
N LYS A 15 4.24 -25.01 -11.13
CA LYS A 15 4.02 -24.56 -12.51
C LYS A 15 2.67 -23.89 -12.63
N GLN A 16 1.95 -23.58 -11.53
CA GLN A 16 0.61 -22.96 -11.63
C GLN A 16 0.48 -21.72 -10.73
N LEU A 17 -0.03 -20.64 -11.33
CA LEU A 17 -0.49 -19.45 -10.60
C LEU A 17 -2.03 -19.45 -10.61
N THR A 18 -2.63 -19.52 -9.42
CA THR A 18 -4.09 -19.50 -9.20
C THR A 18 -4.48 -18.10 -8.71
N VAL A 19 -5.53 -17.52 -9.28
CA VAL A 19 -6.11 -16.28 -8.77
C VAL A 19 -7.38 -16.63 -8.01
N LEU A 20 -7.37 -16.43 -6.70
CA LEU A 20 -8.55 -16.74 -5.86
C LEU A 20 -9.33 -15.43 -5.71
N ASP A 21 -10.43 -15.29 -6.43
CA ASP A 21 -11.08 -13.96 -6.65
C ASP A 21 -12.48 -13.96 -5.99
N LEU A 22 -12.64 -14.68 -4.90
CA LEU A 22 -13.90 -14.61 -4.12
C LEU A 22 -14.16 -13.15 -3.73
N HIS A 23 -15.44 -12.76 -3.75
CA HIS A 23 -15.91 -11.39 -3.50
C HIS A 23 -15.43 -10.90 -2.13
N PRO A 24 -15.38 -9.58 -1.90
CA PRO A 24 -15.01 -9.05 -0.59
C PRO A 24 -15.84 -9.69 0.55
N GLY A 25 -15.15 -10.13 1.59
CA GLY A 25 -15.79 -10.70 2.81
C GLY A 25 -16.19 -12.16 2.64
N ALA A 26 -15.90 -12.79 1.50
CA ALA A 26 -16.25 -14.20 1.25
C ALA A 26 -15.48 -15.18 2.14
N GLY A 27 -14.36 -14.75 2.74
CA GLY A 27 -13.57 -15.56 3.70
C GLY A 27 -12.24 -16.03 3.14
N LYS A 28 -11.67 -15.32 2.19
CA LYS A 28 -10.32 -15.69 1.67
C LYS A 28 -9.32 -15.72 2.82
N THR A 29 -9.28 -14.66 3.62
CA THR A 29 -8.25 -14.48 4.67
C THR A 29 -8.55 -15.43 5.85
N ARG A 30 -9.81 -15.51 6.26
CA ARG A 30 -10.18 -16.19 7.54
C ARG A 30 -10.47 -17.68 7.32
N ARG A 31 -10.92 -18.12 6.15
CA ARG A 31 -11.37 -19.52 5.89
C ARG A 31 -10.46 -20.22 4.87
N VAL A 32 -10.23 -19.63 3.71
CA VAL A 32 -9.48 -20.36 2.64
C VAL A 32 -8.00 -20.42 3.01
N LEU A 33 -7.42 -19.33 3.54
CA LEU A 33 -5.96 -19.32 3.82
C LEU A 33 -5.59 -20.47 4.75
N PRO A 34 -6.30 -20.67 5.90
CA PRO A 34 -6.00 -21.81 6.78
C PRO A 34 -6.07 -23.19 6.09
N GLU A 35 -7.03 -23.39 5.17
CA GLU A 35 -7.15 -24.65 4.41
C GLU A 35 -5.86 -24.87 3.63
N ILE A 36 -5.41 -23.83 2.93
CA ILE A 36 -4.22 -23.96 2.06
C ILE A 36 -3.03 -24.30 2.94
N VAL A 37 -2.89 -23.61 4.08
CA VAL A 37 -1.72 -23.79 4.97
C VAL A 37 -1.73 -25.24 5.49
N ARG A 38 -2.89 -25.76 5.93
CA ARG A 38 -2.98 -27.18 6.36
C ARG A 38 -2.46 -28.15 5.29
N GLU A 39 -2.86 -27.97 4.03
CA GLU A 39 -2.43 -28.84 2.91
C GLU A 39 -0.93 -28.68 2.69
N ALA A 40 -0.40 -27.46 2.76
CA ALA A 40 1.03 -27.16 2.59
C ALA A 40 1.86 -27.89 3.64
N ILE A 41 1.47 -27.80 4.90
CA ILE A 41 2.23 -28.45 6.02
C ILE A 41 2.19 -29.96 5.82
N LYS A 42 1.01 -30.48 5.48
CA LYS A 42 0.85 -31.94 5.34
C LYS A 42 1.80 -32.47 4.26
N THR A 43 1.97 -31.70 3.19
CA THR A 43 2.74 -32.13 2.00
C THR A 43 4.17 -31.61 2.03
N ARG A 44 4.56 -30.92 3.11
CA ARG A 44 5.96 -30.50 3.38
C ARG A 44 6.36 -29.56 2.24
N LEU A 45 5.45 -28.67 1.85
CA LEU A 45 5.74 -27.63 0.84
C LEU A 45 6.29 -26.41 1.55
N ARG A 46 7.49 -25.96 1.17
CA ARG A 46 8.05 -24.74 1.77
C ARG A 46 7.23 -23.55 1.26
N THR A 47 6.61 -22.82 2.17
CA THR A 47 5.51 -21.88 1.85
C THR A 47 5.78 -20.54 2.50
N VAL A 48 5.50 -19.47 1.76
CA VAL A 48 5.46 -18.12 2.35
C VAL A 48 4.05 -17.57 2.16
N ILE A 49 3.55 -16.92 3.20
CA ILE A 49 2.27 -16.16 3.20
C ILE A 49 2.65 -14.69 3.26
N LEU A 50 2.13 -13.92 2.31
CA LEU A 50 2.47 -12.49 2.18
C LEU A 50 1.25 -11.63 2.48
N ALA A 51 1.34 -10.87 3.56
CA ALA A 51 0.31 -9.92 4.06
C ALA A 51 0.66 -8.52 3.59
N PRO A 52 -0.34 -7.71 3.15
CA PRO A 52 -0.04 -6.35 2.72
C PRO A 52 0.39 -5.42 3.85
N THR A 53 -0.10 -5.66 5.07
CA THR A 53 0.10 -4.78 6.25
C THR A 53 0.24 -5.63 7.52
N ARG A 54 0.80 -5.06 8.59
CA ARG A 54 0.89 -5.76 9.91
C ARG A 54 -0.53 -6.02 10.45
N VAL A 55 -1.51 -5.19 10.08
CA VAL A 55 -2.94 -5.37 10.48
C VAL A 55 -3.43 -6.68 9.87
N VAL A 56 -3.23 -6.89 8.56
CA VAL A 56 -3.69 -8.15 7.92
C VAL A 56 -2.84 -9.29 8.49
N ALA A 57 -1.53 -9.09 8.71
CA ALA A 57 -0.68 -10.14 9.32
C ALA A 57 -1.31 -10.59 10.66
N ALA A 58 -1.78 -9.65 11.47
CA ALA A 58 -2.44 -9.93 12.78
C ALA A 58 -3.71 -10.76 12.60
N GLU A 59 -4.56 -10.39 11.63
CA GLU A 59 -5.81 -11.13 11.28
C GLU A 59 -5.42 -12.54 10.78
N MET A 60 -4.31 -12.70 10.05
CA MET A 60 -3.87 -14.05 9.61
C MET A 60 -3.42 -14.88 10.82
N GLU A 61 -2.68 -14.28 11.76
CA GLU A 61 -2.20 -14.96 13.00
C GLU A 61 -3.39 -15.59 13.74
N GLU A 62 -4.46 -14.81 13.92
CA GLU A 62 -5.71 -15.26 14.55
C GLU A 62 -6.23 -16.52 13.83
N ALA A 63 -6.34 -16.48 12.50
CA ALA A 63 -6.93 -17.55 11.66
C ALA A 63 -6.04 -18.79 11.64
N LEU A 64 -4.73 -18.61 11.83
CA LEU A 64 -3.72 -19.71 11.71
C LEU A 64 -3.35 -20.25 13.09
N ARG A 65 -4.09 -19.90 14.14
CA ARG A 65 -3.79 -20.42 15.49
C ARG A 65 -3.84 -21.95 15.41
N GLY A 66 -2.82 -22.60 15.98
CA GLY A 66 -2.71 -24.06 16.02
C GLY A 66 -1.81 -24.60 14.93
N LEU A 67 -1.59 -23.83 13.87
CA LEU A 67 -0.74 -24.26 12.73
C LEU A 67 0.68 -23.73 12.95
N PRO A 68 1.71 -24.52 12.59
CA PRO A 68 3.10 -24.08 12.77
C PRO A 68 3.56 -23.10 11.69
N VAL A 69 3.59 -21.82 12.05
CA VAL A 69 3.95 -20.72 11.12
C VAL A 69 5.04 -19.89 11.80
N ARG A 70 6.10 -19.57 11.06
CA ARG A 70 7.16 -18.64 11.49
C ARG A 70 6.72 -17.24 11.06
N TYR A 71 6.42 -16.38 12.04
CA TYR A 71 5.99 -14.99 11.79
C TYR A 71 7.22 -14.09 11.75
N MET A 72 7.43 -13.48 10.61
CA MET A 72 8.61 -12.62 10.36
C MET A 72 8.09 -11.19 10.21
N THR A 73 7.40 -10.75 11.26
CA THR A 73 6.63 -9.49 11.35
C THR A 73 6.72 -9.00 12.80
N THR A 74 6.35 -7.75 13.05
CA THR A 74 6.36 -7.11 14.40
C THR A 74 7.75 -7.25 15.02
N THR A 83 9.59 -28.06 10.91
CA THR A 83 9.02 -27.65 12.21
C THR A 83 8.01 -26.55 11.92
N GLU A 84 8.49 -25.38 11.44
CA GLU A 84 7.66 -24.28 10.87
C GLU A 84 8.05 -24.03 9.41
N ILE A 85 7.62 -24.89 8.47
CA ILE A 85 7.92 -24.82 7.01
C ILE A 85 7.05 -23.77 6.32
N VAL A 86 6.18 -23.11 7.08
CA VAL A 86 5.43 -21.94 6.57
C VAL A 86 5.98 -20.68 7.23
N ASP A 87 6.32 -19.70 6.40
CA ASP A 87 6.75 -18.36 6.85
C ASP A 87 5.64 -17.38 6.53
N LEU A 88 5.51 -16.35 7.34
CA LEU A 88 4.58 -15.23 7.10
C LEU A 88 5.31 -13.90 7.28
N MET A 89 5.18 -13.03 6.29
CA MET A 89 5.78 -11.69 6.35
C MET A 89 4.95 -10.75 5.49
N CYS A 90 5.20 -9.46 5.62
CA CYS A 90 4.55 -8.41 4.79
C CYS A 90 5.13 -8.41 3.37
N HIS A 91 4.35 -7.98 2.41
CA HIS A 91 4.82 -7.81 1.02
C HIS A 91 6.17 -7.05 1.02
N ALA A 92 6.24 -5.94 1.75
CA ALA A 92 7.39 -5.01 1.68
C ALA A 92 8.62 -5.69 2.30
N THR A 93 8.41 -6.50 3.34
CA THR A 93 9.52 -7.25 3.97
C THR A 93 10.09 -8.26 2.98
N PHE A 94 9.23 -9.00 2.28
CA PHE A 94 9.64 -9.98 1.26
C PHE A 94 10.51 -9.27 0.21
N THR A 95 10.00 -8.22 -0.41
CA THR A 95 10.72 -7.53 -1.49
C THR A 95 12.04 -6.98 -0.93
N SER A 96 12.03 -6.39 0.25
CA SER A 96 13.27 -5.78 0.83
C SER A 96 14.31 -6.88 1.03
N ARG A 97 13.93 -8.05 1.53
CA ARG A 97 14.88 -9.16 1.73
C ARG A 97 15.41 -9.65 0.38
N LEU A 98 14.60 -9.62 -0.67
CA LEU A 98 15.07 -10.03 -2.03
C LEU A 98 16.13 -9.05 -2.58
N LEU A 99 16.13 -7.82 -2.13
CA LEU A 99 17.13 -6.80 -2.56
C LEU A 99 18.44 -6.96 -1.79
N GLN A 100 18.41 -7.67 -0.67
CA GLN A 100 19.50 -7.73 0.34
C GLN A 100 20.30 -9.01 0.15
N PRO A 101 21.51 -9.08 0.70
CA PRO A 101 22.27 -10.33 0.70
C PRO A 101 21.57 -11.48 1.43
N ILE A 102 20.69 -11.20 2.42
CA ILE A 102 19.96 -12.20 3.25
C ILE A 102 19.41 -13.33 2.38
N ARG A 103 19.63 -14.56 2.86
CA ARG A 103 19.07 -15.83 2.34
C ARG A 103 17.55 -15.77 2.42
N VAL A 104 16.89 -15.58 1.28
CA VAL A 104 15.42 -15.78 1.16
C VAL A 104 15.22 -17.17 0.62
N PRO A 105 14.46 -18.04 1.32
CA PRO A 105 14.23 -19.38 0.81
C PRO A 105 13.64 -19.32 -0.60
N ASN A 106 13.98 -20.34 -1.39
CA ASN A 106 13.28 -20.63 -2.66
C ASN A 106 12.00 -21.40 -2.31
N TYR A 107 10.96 -20.68 -1.94
CA TYR A 107 9.66 -21.27 -1.55
C TYR A 107 9.07 -22.03 -2.75
N ASN A 108 8.44 -23.17 -2.46
CA ASN A 108 7.69 -24.04 -3.38
C ASN A 108 6.30 -23.42 -3.64
N LEU A 109 5.77 -22.65 -2.67
CA LEU A 109 4.41 -22.06 -2.75
C LEU A 109 4.42 -20.65 -2.17
N TYR A 110 3.95 -19.70 -2.96
CA TYR A 110 3.78 -18.29 -2.55
C TYR A 110 2.29 -18.05 -2.43
N ILE A 111 1.86 -17.59 -1.27
CA ILE A 111 0.44 -17.16 -1.07
C ILE A 111 0.43 -15.66 -0.84
N MET A 112 -0.07 -14.89 -1.79
CA MET A 112 -0.11 -13.43 -1.62
C MET A 112 -1.55 -13.04 -1.33
N ASP A 113 -1.78 -12.55 -0.12
CA ASP A 113 -3.11 -11.97 0.23
C ASP A 113 -3.14 -10.50 -0.22
N GLU A 114 -4.31 -10.04 -0.63
CA GLU A 114 -4.50 -8.68 -1.19
C GLU A 114 -3.52 -8.48 -2.33
N ALA A 115 -3.57 -9.38 -3.30
CA ALA A 115 -2.61 -9.43 -4.42
C ALA A 115 -2.93 -8.29 -5.41
N HIS A 116 -3.89 -7.41 -5.11
CA HIS A 116 -4.18 -6.19 -5.93
C HIS A 116 -3.35 -5.01 -5.44
N PHE A 117 -2.73 -5.09 -4.27
CA PHE A 117 -2.11 -3.91 -3.61
C PHE A 117 -1.10 -3.29 -4.59
N THR A 118 -1.19 -1.98 -4.84
CA THR A 118 -0.32 -1.32 -5.88
C THR A 118 0.86 -0.57 -5.26
N ASP A 119 1.19 -0.81 -3.99
N ASP A 119 1.18 -0.81 -3.99
CA ASP A 119 2.47 -0.25 -3.50
CA ASP A 119 2.49 -0.39 -3.40
C ASP A 119 3.58 -0.91 -4.31
C ASP A 119 3.58 -0.94 -4.32
N PRO A 120 4.68 -0.19 -4.60
CA PRO A 120 5.71 -0.73 -5.47
C PRO A 120 6.31 -2.06 -5.03
N SER A 121 6.44 -2.25 -3.72
CA SER A 121 6.98 -3.53 -3.17
CA SER A 121 7.00 -3.53 -3.19
C SER A 121 6.06 -4.70 -3.51
N SER A 122 4.75 -4.41 -3.53
CA SER A 122 3.74 -5.45 -3.82
C SER A 122 3.73 -5.77 -5.32
N ILE A 123 3.81 -4.74 -6.16
CA ILE A 123 3.89 -4.94 -7.62
C ILE A 123 5.16 -5.76 -7.94
N ALA A 124 6.27 -5.40 -7.30
CA ALA A 124 7.55 -6.08 -7.55
C ALA A 124 7.45 -7.53 -7.08
N ALA A 125 6.87 -7.76 -5.89
CA ALA A 125 6.71 -9.13 -5.37
C ALA A 125 5.92 -9.95 -6.39
N ARG A 126 4.81 -9.41 -6.93
CA ARG A 126 4.01 -10.20 -7.90
C ARG A 126 4.84 -10.53 -9.14
N GLY A 127 5.72 -9.59 -9.57
CA GLY A 127 6.54 -9.87 -10.76
C GLY A 127 7.51 -10.99 -10.50
N TYR A 128 8.19 -10.93 -9.35
CA TYR A 128 9.15 -11.97 -8.94
C TYR A 128 8.44 -13.33 -8.89
N ILE A 129 7.28 -13.34 -8.22
CA ILE A 129 6.60 -14.63 -7.94
C ILE A 129 6.08 -15.20 -9.27
N SER A 130 5.46 -14.36 -10.10
CA SER A 130 4.88 -14.86 -11.38
C SER A 130 6.02 -15.35 -12.28
N THR A 131 7.20 -14.73 -12.21
CA THR A 131 8.36 -15.17 -13.01
C THR A 131 8.82 -16.54 -12.51
N ARG A 132 8.90 -16.72 -11.19
CA ARG A 132 9.29 -18.04 -10.61
C ARG A 132 8.30 -19.10 -11.09
N VAL A 133 7.00 -18.82 -11.07
CA VAL A 133 5.99 -19.79 -11.56
C VAL A 133 6.18 -20.06 -13.06
N GLU A 134 6.32 -19.01 -13.87
CA GLU A 134 6.49 -19.16 -15.34
C GLU A 134 7.72 -20.03 -15.64
N MET A 135 8.78 -19.91 -14.82
N MET A 135 8.79 -19.91 -14.83
CA MET A 135 10.03 -20.69 -14.94
CA MET A 135 10.03 -20.70 -14.99
C MET A 135 9.81 -22.15 -14.52
C MET A 135 9.78 -22.17 -14.57
N GLY A 136 8.66 -22.46 -13.91
CA GLY A 136 8.30 -23.83 -13.50
C GLY A 136 8.90 -24.19 -12.14
N GLU A 137 9.27 -23.21 -11.33
CA GLU A 137 10.04 -23.43 -10.07
C GLU A 137 9.11 -23.44 -8.85
N ALA A 138 7.89 -22.95 -8.98
CA ALA A 138 6.99 -22.78 -7.81
C ALA A 138 5.55 -22.67 -8.28
N ALA A 139 4.65 -22.75 -7.30
CA ALA A 139 3.22 -22.45 -7.40
C ALA A 139 2.95 -21.14 -6.69
N ALA A 140 1.87 -20.48 -7.07
CA ALA A 140 1.45 -19.27 -6.34
C ALA A 140 -0.07 -19.20 -6.31
N ILE A 141 -0.56 -18.60 -5.24
CA ILE A 141 -2.00 -18.26 -5.09
C ILE A 141 -2.05 -16.77 -4.82
N PHE A 142 -2.70 -16.01 -5.72
CA PHE A 142 -2.95 -14.57 -5.55
C PHE A 142 -4.39 -14.43 -5.09
N MET A 143 -4.57 -14.00 -3.84
CA MET A 143 -5.93 -13.87 -3.24
C MET A 143 -6.32 -12.41 -3.36
N THR A 144 -7.38 -12.13 -4.08
CA THR A 144 -7.90 -10.75 -4.18
C THR A 144 -9.26 -10.84 -4.85
N ALA A 145 -10.20 -10.10 -4.30
CA ALA A 145 -11.53 -9.92 -4.88
C ALA A 145 -11.45 -9.10 -6.18
N THR A 146 -10.34 -8.38 -6.40
CA THR A 146 -10.23 -7.35 -7.47
C THR A 146 -8.90 -7.52 -8.19
N PRO A 147 -8.77 -8.57 -9.02
CA PRO A 147 -7.52 -8.81 -9.73
C PRO A 147 -7.22 -7.66 -10.69
N PRO A 148 -5.93 -7.45 -11.04
CA PRO A 148 -5.57 -6.34 -11.92
C PRO A 148 -6.46 -6.28 -13.17
N GLY A 149 -6.98 -5.10 -13.50
CA GLY A 149 -7.76 -4.87 -14.73
C GLY A 149 -9.25 -4.93 -14.50
N THR A 150 -9.70 -5.25 -13.28
CA THR A 150 -11.13 -5.44 -13.00
C THR A 150 -11.89 -4.14 -13.32
N ARG A 151 -13.05 -4.24 -13.94
CA ARG A 151 -13.89 -3.08 -14.32
C ARG A 151 -15.18 -3.10 -13.49
N ASP A 152 -15.24 -3.92 -12.45
CA ASP A 152 -16.47 -4.07 -11.62
C ASP A 152 -16.27 -3.39 -10.26
N ALA A 153 -16.86 -2.21 -10.08
CA ALA A 153 -16.76 -1.44 -8.82
C ALA A 153 -17.79 -1.95 -7.80
N PHE A 154 -18.73 -2.80 -8.22
CA PHE A 154 -19.90 -3.22 -7.38
C PHE A 154 -20.01 -4.73 -7.32
N PRO A 155 -18.97 -5.44 -6.82
CA PRO A 155 -19.07 -6.89 -6.74
C PRO A 155 -20.06 -7.34 -5.66
N ASP A 156 -20.23 -8.64 -5.59
CA ASP A 156 -21.09 -9.30 -4.59
C ASP A 156 -20.60 -8.97 -3.17
N SER A 157 -21.53 -9.04 -2.21
CA SER A 157 -21.25 -8.81 -0.78
C SER A 157 -22.01 -9.83 0.05
N ASN A 158 -21.61 -10.00 1.30
CA ASN A 158 -22.29 -10.95 2.20
C ASN A 158 -23.73 -10.48 2.46
N SER A 159 -23.99 -9.19 2.37
CA SER A 159 -25.28 -8.54 2.70
C SER A 159 -25.57 -7.46 1.68
N PRO A 160 -26.82 -7.24 1.28
CA PRO A 160 -27.12 -6.15 0.34
C PRO A 160 -26.60 -4.79 0.79
N ILE A 161 -26.08 -4.04 -0.19
CA ILE A 161 -25.56 -2.67 0.02
C ILE A 161 -26.46 -1.70 -0.74
N MET A 162 -26.70 -0.55 -0.13
CA MET A 162 -27.37 0.60 -0.79
C MET A 162 -26.27 1.49 -1.41
N ASP A 163 -26.16 1.51 -2.73
CA ASP A 163 -25.14 2.30 -3.48
C ASP A 163 -25.78 3.61 -3.95
N THR A 164 -25.23 4.75 -3.55
CA THR A 164 -25.77 6.07 -3.95
C THR A 164 -24.62 6.97 -4.39
N GLU A 165 -24.75 7.55 -5.57
CA GLU A 165 -23.81 8.59 -6.03
C GLU A 165 -24.25 9.94 -5.45
N VAL A 166 -23.33 10.64 -4.80
CA VAL A 166 -23.61 11.95 -4.14
C VAL A 166 -22.44 12.89 -4.42
N GLU A 167 -22.61 14.16 -4.10
CA GLU A 167 -21.47 15.08 -4.00
C GLU A 167 -20.82 14.84 -2.65
N VAL A 168 -19.54 14.47 -2.64
CA VAL A 168 -18.80 14.21 -1.38
C VAL A 168 -17.89 15.39 -1.14
N PRO A 169 -17.93 16.04 0.04
CA PRO A 169 -17.06 17.20 0.29
C PRO A 169 -15.60 16.76 0.45
N GLU A 170 -14.68 17.64 0.03
CA GLU A 170 -13.23 17.41 0.15
C GLU A 170 -12.61 18.59 0.92
N ARG A 171 -13.45 19.43 1.51
CA ARG A 171 -13.10 20.60 2.35
C ARG A 171 -14.11 20.64 3.48
N ALA A 172 -13.81 21.40 4.53
CA ALA A 172 -14.78 21.77 5.58
C ALA A 172 -16.00 22.40 4.90
N TRP A 173 -17.16 22.23 5.51
CA TRP A 173 -18.43 22.77 4.98
C TRP A 173 -19.21 23.39 6.12
N SER A 174 -19.96 24.46 5.82
CA SER A 174 -20.91 25.12 6.75
C SER A 174 -22.35 24.94 6.27
N SER A 175 -22.60 24.10 5.25
CA SER A 175 -23.94 23.85 4.67
C SER A 175 -23.85 22.86 3.50
N GLY A 176 -24.97 22.18 3.18
CA GLY A 176 -25.17 21.44 1.93
C GLY A 176 -24.91 19.95 2.04
N PHE A 177 -24.49 19.47 3.21
CA PHE A 177 -24.09 18.05 3.42
C PHE A 177 -24.70 17.52 4.74
N ASP A 178 -25.97 17.80 4.99
CA ASP A 178 -26.62 17.40 6.27
C ASP A 178 -26.60 15.87 6.44
N TRP A 179 -26.74 15.12 5.34
CA TRP A 179 -26.73 13.64 5.35
C TRP A 179 -25.44 13.10 5.99
N VAL A 180 -24.33 13.85 5.95
CA VAL A 180 -23.06 13.35 6.55
C VAL A 180 -23.23 13.23 8.07
N THR A 181 -23.70 14.29 8.72
CA THR A 181 -23.69 14.44 10.19
C THR A 181 -25.03 13.96 10.78
N ASP A 182 -26.15 13.98 10.04
CA ASP A 182 -27.50 13.51 10.50
C ASP A 182 -27.57 12.01 10.26
N TYR A 183 -26.67 11.26 10.90
CA TYR A 183 -26.48 9.81 10.68
C TYR A 183 -25.97 9.24 12.00
N SER A 184 -26.59 8.19 12.54
CA SER A 184 -26.29 7.70 13.90
C SER A 184 -25.41 6.44 13.88
N GLY A 185 -25.00 5.96 12.72
CA GLY A 185 -24.11 4.79 12.62
C GLY A 185 -22.65 5.17 12.53
N LYS A 186 -21.82 4.18 12.17
CA LYS A 186 -20.34 4.31 12.08
C LYS A 186 -19.95 4.41 10.60
N THR A 187 -19.13 5.39 10.26
CA THR A 187 -18.79 5.71 8.86
C THR A 187 -17.28 5.60 8.64
N VAL A 188 -16.87 4.93 7.58
CA VAL A 188 -15.46 4.95 7.08
C VAL A 188 -15.46 5.85 5.86
N TRP A 189 -14.65 6.91 5.90
CA TRP A 189 -14.59 7.93 4.83
C TRP A 189 -13.21 7.90 4.17
N PHE A 190 -13.19 7.55 2.90
CA PHE A 190 -11.94 7.53 2.08
C PHE A 190 -11.74 8.91 1.45
N VAL A 191 -10.67 9.58 1.87
CA VAL A 191 -10.36 10.98 1.46
C VAL A 191 -9.22 10.96 0.44
N PRO A 192 -9.07 12.05 -0.36
CA PRO A 192 -8.06 12.10 -1.41
C PRO A 192 -6.61 12.25 -0.90
N SER A 193 -6.44 12.71 0.33
CA SER A 193 -5.10 12.99 0.88
C SER A 193 -5.13 13.13 2.40
N VAL A 194 -3.97 13.02 3.03
CA VAL A 194 -3.84 13.23 4.49
C VAL A 194 -4.34 14.64 4.85
N ARG A 195 -3.92 15.67 4.12
CA ARG A 195 -4.31 17.07 4.46
C ARG A 195 -5.83 17.25 4.29
N ASN A 196 -6.45 16.71 3.24
CA ASN A 196 -7.92 16.86 3.08
C ASN A 196 -8.58 16.14 4.27
N GLY A 197 -8.06 14.98 4.65
CA GLY A 197 -8.61 14.23 5.81
C GLY A 197 -8.51 15.05 7.09
N ASN A 198 -7.41 15.78 7.28
CA ASN A 198 -7.22 16.65 8.47
C ASN A 198 -8.37 17.67 8.51
N GLU A 199 -8.71 18.26 7.38
CA GLU A 199 -9.66 19.38 7.29
C GLU A 199 -11.07 18.83 7.55
N ILE A 200 -11.38 17.68 6.95
CA ILE A 200 -12.69 17.00 7.13
C ILE A 200 -12.83 16.56 8.59
N ALA A 201 -11.78 15.96 9.15
CA ALA A 201 -11.79 15.48 10.55
C ALA A 201 -12.10 16.67 11.48
N ALA A 202 -11.51 17.84 11.25
CA ALA A 202 -11.70 19.01 12.13
C ALA A 202 -13.15 19.51 12.01
N CYS A 203 -13.72 19.48 10.81
CA CYS A 203 -15.13 19.86 10.56
C CYS A 203 -16.04 18.89 11.33
N LEU A 204 -15.77 17.59 11.23
CA LEU A 204 -16.57 16.54 11.92
C LEU A 204 -16.45 16.68 13.43
N THR A 205 -15.24 16.91 13.95
CA THR A 205 -15.01 17.08 15.42
C THR A 205 -15.78 18.32 15.93
N LYS A 206 -15.77 19.41 15.17
CA LYS A 206 -16.50 20.66 15.53
C LYS A 206 -18.00 20.36 15.59
N ALA A 207 -18.49 19.41 14.79
CA ALA A 207 -19.92 19.01 14.70
C ALA A 207 -20.23 17.97 15.77
N GLY A 208 -19.26 17.67 16.65
CA GLY A 208 -19.47 16.81 17.83
C GLY A 208 -19.16 15.35 17.58
N LYS A 209 -18.52 15.01 16.45
CA LYS A 209 -18.23 13.61 16.07
C LYS A 209 -16.87 13.19 16.63
N ARG A 210 -16.75 11.89 16.90
CA ARG A 210 -15.53 11.22 17.36
C ARG A 210 -14.85 10.62 16.12
N VAL A 211 -13.68 11.16 15.77
CA VAL A 211 -12.97 10.86 14.51
C VAL A 211 -11.64 10.19 14.79
N ILE A 212 -11.37 9.09 14.11
CA ILE A 212 -10.02 8.45 14.04
C ILE A 212 -9.49 8.65 12.61
N GLN A 213 -8.25 9.12 12.48
CA GLN A 213 -7.58 9.33 11.16
C GLN A 213 -6.54 8.21 10.92
N LEU A 214 -6.55 7.61 9.72
CA LEU A 214 -5.59 6.57 9.30
C LEU A 214 -4.85 7.03 8.05
N SER A 215 -3.55 6.77 8.01
CA SER A 215 -2.71 6.92 6.79
C SER A 215 -1.68 5.79 6.80
N ARG A 216 -0.88 5.62 5.74
CA ARG A 216 0.19 4.60 5.73
C ARG A 216 1.12 4.72 6.94
N LYS A 217 1.62 5.91 7.25
CA LYS A 217 2.60 6.09 8.37
C LYS A 217 1.93 5.65 9.68
N THR A 218 0.63 5.89 9.87
CA THR A 218 -0.03 5.75 11.19
C THR A 218 -0.89 4.49 11.27
N PHE A 219 -1.14 3.77 10.18
CA PHE A 219 -2.11 2.67 10.09
C PHE A 219 -1.82 1.60 11.15
N GLU A 220 -0.56 1.16 11.24
CA GLU A 220 -0.16 -0.04 12.02
C GLU A 220 -0.47 0.17 13.51
N THR A 221 -0.47 1.42 14.01
CA THR A 221 -0.79 1.80 15.42
C THR A 221 -2.22 2.32 15.57
N GLU A 222 -2.68 3.21 14.69
CA GLU A 222 -3.97 3.93 14.87
C GLU A 222 -5.15 2.99 14.62
N PHE A 223 -4.99 1.98 13.75
CA PHE A 223 -6.07 1.05 13.41
C PHE A 223 -6.59 0.38 14.70
N GLN A 224 -5.71 0.10 15.65
CA GLN A 224 -6.05 -0.57 16.93
C GLN A 224 -7.12 0.25 17.66
N LYS A 225 -7.10 1.58 17.56
CA LYS A 225 -8.08 2.47 18.23
C LYS A 225 -9.50 2.20 17.70
N THR A 226 -9.64 1.71 16.46
CA THR A 226 -10.95 1.39 15.86
C THR A 226 -11.55 0.17 16.59
N LYS A 227 -10.70 -0.72 17.13
CA LYS A 227 -11.14 -1.93 17.86
C LYS A 227 -11.45 -1.58 19.31
N HIS A 228 -10.76 -0.57 19.88
CA HIS A 228 -10.65 -0.38 21.35
C HIS A 228 -11.40 0.86 21.86
N GLN A 229 -11.59 1.91 21.06
CA GLN A 229 -12.29 3.17 21.45
C GLN A 229 -13.64 3.28 20.73
N GLU A 230 -14.55 4.08 21.25
CA GLU A 230 -15.83 4.37 20.54
C GLU A 230 -15.52 5.41 19.46
N TRP A 231 -16.11 5.27 18.29
CA TRP A 231 -15.89 6.25 17.17
C TRP A 231 -17.14 6.38 16.32
N ASP A 232 -17.27 7.55 15.66
CA ASP A 232 -18.35 7.88 14.70
C ASP A 232 -17.81 7.79 13.28
N PHE A 233 -16.61 8.30 13.04
CA PHE A 233 -15.96 8.31 11.70
C PHE A 233 -14.53 7.82 11.79
N VAL A 234 -14.15 7.01 10.80
CA VAL A 234 -12.72 6.72 10.45
C VAL A 234 -12.49 7.52 9.17
N VAL A 235 -11.57 8.49 9.20
CA VAL A 235 -11.15 9.27 7.99
C VAL A 235 -9.80 8.70 7.56
N THR A 236 -9.76 8.10 6.39
CA THR A 236 -8.60 7.24 5.97
C THR A 236 -8.22 7.51 4.52
N THR A 237 -6.93 7.34 4.23
CA THR A 237 -6.42 7.18 2.86
C THR A 237 -6.68 5.77 2.37
N ASP A 238 -6.16 5.44 1.19
CA ASP A 238 -6.41 4.15 0.49
C ASP A 238 -5.80 2.96 1.23
N ILE A 239 -4.97 3.18 2.25
CA ILE A 239 -4.29 2.02 2.91
C ILE A 239 -5.34 1.08 3.52
N SER A 240 -6.43 1.68 4.03
N SER A 240 -6.54 1.58 3.79
CA SER A 240 -7.53 1.03 4.78
CA SER A 240 -7.64 0.75 4.35
C SER A 240 -8.42 0.22 3.84
C SER A 240 -8.29 -0.15 3.31
N GLU A 241 -8.27 0.34 2.53
N GLU A 241 -7.93 -0.07 2.02
CA GLU A 241 -9.39 0.01 1.61
CA GLU A 241 -8.42 -1.00 0.97
C GLU A 241 -9.53 -1.50 1.44
C GLU A 241 -7.77 -2.39 1.11
N MET A 242 -8.52 -2.30 1.80
N MET A 242 -6.81 -2.55 2.01
CA MET A 242 -8.60 -3.77 1.59
CA MET A 242 -5.96 -3.78 2.06
C MET A 242 -8.21 -4.52 2.87
C MET A 242 -6.39 -4.66 3.24
N GLY A 243 -8.85 -5.65 3.14
N GLY A 243 -7.66 -5.04 3.26
CA GLY A 243 -8.39 -6.50 4.25
CA GLY A 243 -8.19 -6.19 4.03
C GLY A 243 -8.57 -5.82 5.60
C GLY A 243 -8.70 -5.83 5.43
N ALA A 244 -9.03 -4.55 5.66
CA ALA A 244 -9.39 -3.94 6.97
CA ALA A 244 -9.38 -3.98 6.99
C ALA A 244 -10.83 -4.34 7.33
N ASN A 245 -11.04 -4.87 8.54
CA ASN A 245 -12.37 -5.23 9.07
C ASN A 245 -12.74 -4.13 10.07
N PHE A 246 -13.65 -3.25 9.71
CA PHE A 246 -14.18 -2.15 10.55
C PHE A 246 -15.56 -2.57 11.01
N LYS A 247 -16.06 -2.03 12.08
CA LYS A 247 -17.42 -2.52 12.46
C LYS A 247 -18.42 -1.50 11.97
N ALA A 248 -18.44 -1.23 10.66
CA ALA A 248 -19.06 -0.01 10.17
C ALA A 248 -20.38 -0.28 9.47
N ASP A 249 -21.15 0.78 9.29
CA ASP A 249 -22.47 0.77 8.65
C ASP A 249 -22.51 1.56 7.36
N ARG A 250 -21.52 2.43 7.12
CA ARG A 250 -21.58 3.34 5.98
C ARG A 250 -20.13 3.59 5.51
N VAL A 251 -19.95 3.61 4.21
CA VAL A 251 -18.69 4.15 3.63
C VAL A 251 -19.05 5.40 2.83
N ILE A 252 -18.27 6.45 3.01
CA ILE A 252 -18.24 7.66 2.15
C ILE A 252 -16.95 7.58 1.33
N ASP A 253 -17.07 7.64 0.02
CA ASP A 253 -15.89 7.43 -0.85
C ASP A 253 -15.80 8.60 -1.83
N SER A 254 -14.76 9.42 -1.68
CA SER A 254 -14.41 10.51 -2.64
CA SER A 254 -14.52 10.52 -2.66
C SER A 254 -14.18 9.94 -4.04
N ARG A 255 -13.75 8.67 -4.11
CA ARG A 255 -13.32 7.99 -5.36
C ARG A 255 -12.20 8.78 -6.06
N ARG A 256 -11.40 9.50 -5.29
CA ARG A 256 -10.29 10.33 -5.84
C ARG A 256 -9.10 10.26 -4.92
N CYS A 257 -7.90 10.36 -5.48
CA CYS A 257 -6.64 10.34 -4.69
CA CYS A 257 -6.71 10.49 -4.63
C CYS A 257 -5.61 11.25 -5.38
N LEU A 258 -4.74 11.89 -4.60
CA LEU A 258 -3.51 12.47 -5.16
C LEU A 258 -2.65 11.33 -5.68
N LYS A 259 -2.00 11.55 -6.81
CA LYS A 259 -1.17 10.53 -7.50
C LYS A 259 0.23 11.12 -7.61
N PRO A 260 1.27 10.39 -7.16
CA PRO A 260 2.64 10.84 -7.43
C PRO A 260 2.99 10.55 -8.90
N VAL A 261 3.44 11.59 -9.60
CA VAL A 261 3.73 11.53 -11.05
C VAL A 261 5.16 12.02 -11.26
N ILE A 262 5.92 11.30 -12.06
CA ILE A 262 7.31 11.71 -12.40
C ILE A 262 7.20 12.72 -13.55
N LEU A 263 7.64 13.96 -13.32
CA LEU A 263 7.57 15.07 -14.31
C LEU A 263 8.95 15.23 -14.97
N ASP A 264 8.99 15.11 -16.30
CA ASP A 264 10.20 15.36 -17.13
C ASP A 264 11.34 14.45 -16.66
N GLY A 265 11.01 13.29 -16.08
CA GLY A 265 11.97 12.32 -15.54
C GLY A 265 12.81 12.85 -14.39
N GLU A 266 12.50 14.04 -13.85
CA GLU A 266 13.45 14.76 -12.96
C GLU A 266 12.89 15.06 -11.58
N ARG A 267 11.57 14.97 -11.36
CA ARG A 267 10.98 15.31 -10.05
C ARG A 267 9.68 14.54 -9.93
N VAL A 268 9.23 14.35 -8.70
CA VAL A 268 7.88 13.75 -8.48
C VAL A 268 6.98 14.81 -7.87
N ILE A 269 5.82 15.00 -8.49
CA ILE A 269 4.80 15.94 -8.00
C ILE A 269 3.59 15.12 -7.56
N LEU A 270 2.73 15.70 -6.74
CA LEU A 270 1.45 15.05 -6.38
C LEU A 270 0.32 15.69 -7.17
N ALA A 271 -0.18 14.96 -8.15
CA ALA A 271 -1.12 15.45 -9.16
C ALA A 271 -2.54 15.09 -8.74
N GLY A 272 -3.48 15.85 -9.20
CA GLY A 272 -4.90 15.51 -9.01
C GLY A 272 -5.51 16.35 -7.89
N PRO A 273 -6.46 15.82 -7.09
CA PRO A 273 -6.84 14.40 -7.11
C PRO A 273 -7.46 13.87 -8.42
N MET A 274 -7.22 12.60 -8.66
CA MET A 274 -7.60 11.87 -9.89
C MET A 274 -8.45 10.67 -9.48
N PRO A 275 -9.35 10.19 -10.36
CA PRO A 275 -10.21 9.05 -10.03
C PRO A 275 -9.43 7.79 -9.67
N VAL A 276 -9.97 7.07 -8.71
CA VAL A 276 -9.42 5.74 -8.35
C VAL A 276 -9.80 4.68 -9.39
N THR A 277 -9.14 3.54 -9.34
CA THR A 277 -9.47 2.37 -10.18
C THR A 277 -10.78 1.72 -9.71
N HIS A 278 -11.36 0.91 -10.58
CA HIS A 278 -12.56 0.11 -10.20
C HIS A 278 -12.17 -0.82 -9.05
N ALA A 279 -10.97 -1.38 -9.04
CA ALA A 279 -10.51 -2.27 -7.96
C ALA A 279 -10.52 -1.53 -6.62
N SER A 280 -9.97 -0.33 -6.56
CA SER A 280 -9.92 0.49 -5.33
C SER A 280 -11.35 0.78 -4.89
N ALA A 281 -12.22 1.24 -5.79
CA ALA A 281 -13.63 1.56 -5.44
C ALA A 281 -14.30 0.28 -4.88
N ALA A 282 -14.11 -0.87 -5.51
CA ALA A 282 -14.73 -2.14 -5.05
C ALA A 282 -14.23 -2.48 -3.64
N GLN A 283 -12.95 -2.32 -3.36
CA GLN A 283 -12.37 -2.63 -2.04
C GLN A 283 -12.87 -1.65 -0.97
N ARG A 284 -13.04 -0.39 -1.32
CA ARG A 284 -13.55 0.64 -0.38
C ARG A 284 -15.00 0.29 -0.01
N ARG A 285 -15.82 0.11 -1.02
CA ARG A 285 -17.23 -0.30 -0.82
C ARG A 285 -17.24 -1.60 -0.02
N GLY A 286 -16.31 -2.50 -0.28
CA GLY A 286 -16.25 -3.85 0.31
C GLY A 286 -15.97 -3.80 1.79
N ARG A 287 -15.67 -2.63 2.37
CA ARG A 287 -15.51 -2.52 3.84
C ARG A 287 -16.87 -2.69 4.56
N ILE A 288 -17.98 -2.50 3.85
CA ILE A 288 -19.33 -2.68 4.44
C ILE A 288 -20.10 -3.76 3.66
N GLY A 289 -21.27 -4.11 4.15
CA GLY A 289 -22.03 -5.25 3.63
C GLY A 289 -21.41 -6.59 3.95
N ARG A 290 -20.55 -6.64 4.96
CA ARG A 290 -19.79 -7.87 5.30
C ARG A 290 -20.55 -8.75 6.30
N ASN A 291 -21.60 -8.23 6.94
CA ASN A 291 -22.32 -8.97 8.00
C ASN A 291 -23.68 -9.40 7.45
N PRO A 292 -23.90 -10.71 7.23
CA PRO A 292 -25.16 -11.17 6.64
C PRO A 292 -26.40 -10.88 7.50
N ASN A 293 -26.19 -10.58 8.78
CA ASN A 293 -27.30 -10.20 9.71
C ASN A 293 -27.60 -8.71 9.62
N LYS A 294 -26.90 -7.94 8.78
CA LYS A 294 -27.06 -6.47 8.75
C LYS A 294 -27.20 -6.00 7.31
N PRO A 295 -28.36 -6.21 6.63
CA PRO A 295 -28.57 -5.65 5.28
C PRO A 295 -28.69 -4.12 5.28
N GLY A 296 -28.37 -3.51 4.14
CA GLY A 296 -28.63 -2.07 3.90
C GLY A 296 -27.52 -1.16 4.41
N ASP A 297 -26.33 -1.69 4.69
CA ASP A 297 -25.17 -0.78 4.82
C ASP A 297 -25.13 0.11 3.56
N GLU A 298 -24.63 1.33 3.71
CA GLU A 298 -24.65 2.34 2.62
C GLU A 298 -23.24 2.57 2.09
N TYR A 299 -23.13 2.65 0.77
CA TYR A 299 -21.91 3.13 0.07
C TYR A 299 -22.27 4.39 -0.71
N LEU A 300 -21.76 5.53 -0.27
CA LEU A 300 -22.02 6.86 -0.87
C LEU A 300 -20.73 7.33 -1.54
N TYR A 301 -20.78 7.46 -2.85
CA TYR A 301 -19.57 7.65 -3.66
C TYR A 301 -19.70 8.93 -4.47
N GLY A 302 -18.55 9.58 -4.68
CA GLY A 302 -18.51 10.99 -5.11
C GLY A 302 -18.12 11.17 -6.57
N GLY A 303 -18.00 10.11 -7.35
CA GLY A 303 -17.69 10.24 -8.78
C GLY A 303 -17.28 8.93 -9.37
N GLY A 304 -16.72 8.95 -10.56
CA GLY A 304 -16.46 7.74 -11.33
C GLY A 304 -15.08 7.16 -11.04
N CYS A 305 -14.81 6.04 -11.67
CA CYS A 305 -13.52 5.34 -11.62
C CYS A 305 -12.81 5.48 -12.96
N ALA A 306 -11.51 5.19 -12.96
CA ALA A 306 -10.72 5.16 -14.22
C ALA A 306 -9.60 4.15 -14.08
N GLU A 307 -9.20 3.52 -15.20
CA GLU A 307 -8.07 2.55 -15.25
C GLU A 307 -6.80 3.22 -15.82
N THR A 308 -6.84 4.53 -15.98
CA THR A 308 -5.72 5.30 -16.62
C THR A 308 -4.75 5.73 -15.51
N ASP A 309 -4.10 4.75 -14.89
CA ASP A 309 -3.19 4.98 -13.71
C ASP A 309 -1.74 4.78 -14.13
N GLU A 310 -1.44 4.84 -15.42
CA GLU A 310 -0.03 4.64 -15.89
C GLU A 310 0.84 5.84 -15.47
N ASP A 311 0.28 7.00 -15.15
CA ASP A 311 1.02 8.17 -14.67
C ASP A 311 1.52 7.96 -13.23
N HIS A 312 1.00 6.95 -12.53
CA HIS A 312 1.39 6.75 -11.11
C HIS A 312 2.85 6.29 -11.10
N ALA A 313 3.67 6.96 -10.30
CA ALA A 313 5.08 6.60 -10.11
C ALA A 313 5.29 5.14 -9.66
N HIS A 314 4.29 4.50 -9.06
CA HIS A 314 4.50 3.14 -8.45
CA HIS A 314 4.53 3.15 -8.46
C HIS A 314 4.91 2.09 -9.53
N TRP A 315 4.49 2.26 -10.78
CA TRP A 315 4.82 1.25 -11.81
C TRP A 315 6.35 1.31 -12.10
N LEU A 316 6.88 2.51 -12.32
CA LEU A 316 8.33 2.65 -12.57
C LEU A 316 9.10 2.29 -11.30
N GLU A 317 8.57 2.64 -10.12
CA GLU A 317 9.25 2.27 -8.86
C GLU A 317 9.32 0.74 -8.74
N ALA A 318 8.30 0.01 -9.17
CA ALA A 318 8.33 -1.46 -9.12
C ALA A 318 9.46 -1.98 -10.01
N ARG A 319 9.64 -1.36 -11.19
CA ARG A 319 10.78 -1.76 -12.07
C ARG A 319 12.11 -1.47 -11.37
N MET A 320 12.21 -0.36 -10.66
CA MET A 320 13.47 -0.05 -9.94
C MET A 320 13.79 -1.15 -8.94
N LEU A 321 12.78 -1.64 -8.23
CA LEU A 321 13.01 -2.73 -7.26
C LEU A 321 13.33 -4.00 -8.03
N LEU A 322 12.51 -4.42 -9.00
CA LEU A 322 12.73 -5.70 -9.73
C LEU A 322 14.09 -5.76 -10.40
N ASP A 323 14.56 -4.66 -10.96
CA ASP A 323 15.86 -4.64 -11.65
C ASP A 323 16.96 -5.01 -10.66
N ASN A 324 16.71 -4.90 -9.35
CA ASN A 324 17.73 -5.10 -8.29
C ASN A 324 17.49 -6.39 -7.51
N ILE A 325 16.64 -7.27 -8.05
CA ILE A 325 16.41 -8.60 -7.43
C ILE A 325 17.07 -9.65 -8.31
N TYR A 326 17.94 -10.45 -7.71
CA TYR A 326 18.58 -11.56 -8.43
C TYR A 326 17.61 -12.72 -8.60
N LEU A 327 17.50 -13.28 -9.81
CA LEU A 327 16.78 -14.55 -10.03
C LEU A 327 17.74 -15.62 -10.50
N GLN A 328 18.31 -15.39 -11.68
CA GLN A 328 19.27 -16.28 -12.37
C GLN A 328 20.19 -15.37 -13.18
N ASP A 329 21.39 -15.81 -13.50
CA ASP A 329 22.34 -14.90 -14.19
C ASP A 329 21.70 -14.39 -15.47
N GLY A 330 21.66 -13.08 -15.65
CA GLY A 330 21.14 -12.41 -16.86
C GLY A 330 19.62 -12.37 -16.95
N LEU A 331 18.90 -12.87 -15.93
CA LEU A 331 17.41 -12.90 -15.97
C LEU A 331 16.94 -11.79 -15.03
N ILE A 332 16.14 -10.87 -15.55
CA ILE A 332 15.41 -9.89 -14.69
C ILE A 332 13.94 -10.27 -14.74
N ALA A 333 13.28 -10.36 -13.59
CA ALA A 333 11.85 -10.69 -13.53
C ALA A 333 11.05 -9.59 -14.24
N SER A 334 10.05 -10.00 -15.01
CA SER A 334 9.03 -9.09 -15.59
C SER A 334 7.95 -8.79 -14.56
N LEU A 335 7.28 -7.68 -14.72
CA LEU A 335 6.00 -7.47 -14.00
C LEU A 335 5.03 -8.60 -14.34
N TYR A 336 4.15 -8.90 -13.40
CA TYR A 336 3.03 -9.84 -13.60
C TYR A 336 2.31 -9.41 -14.89
N ARG A 337 1.97 -10.37 -15.75
CA ARG A 337 1.55 -10.10 -17.16
C ARG A 337 0.45 -9.04 -17.23
N PRO A 338 -0.64 -9.10 -16.44
CA PRO A 338 -1.69 -8.09 -16.54
C PRO A 338 -1.28 -6.67 -16.14
N GLU A 339 -0.11 -6.52 -15.51
CA GLU A 339 0.48 -5.21 -15.09
C GLU A 339 1.61 -4.77 -16.02
N ALA A 340 2.03 -5.61 -16.96
CA ALA A 340 3.33 -5.46 -17.67
C ALA A 340 3.26 -4.24 -18.61
N ASP A 341 2.08 -3.88 -19.10
CA ASP A 341 1.89 -2.74 -20.03
C ASP A 341 1.68 -1.43 -19.26
N LYS A 342 1.91 -1.39 -17.96
CA LYS A 342 1.66 -0.15 -17.17
C LYS A 342 2.83 0.81 -17.29
N VAL A 343 3.99 0.36 -17.75
CA VAL A 343 5.19 1.23 -17.67
C VAL A 343 6.06 0.98 -18.87
N ALA A 344 6.56 2.10 -19.45
CA ALA A 344 7.61 2.16 -20.48
C ALA A 344 8.96 2.19 -19.75
N ALA A 345 9.70 1.10 -19.83
CA ALA A 345 11.04 1.00 -19.22
C ALA A 345 11.87 0.01 -20.00
N ILE A 346 13.18 0.15 -19.91
CA ILE A 346 14.12 -0.85 -20.46
C ILE A 346 14.46 -1.81 -19.34
N GLU A 347 14.25 -3.11 -19.56
CA GLU A 347 14.53 -4.14 -18.55
C GLU A 347 15.98 -3.97 -18.10
N GLY A 348 16.24 -3.86 -16.80
CA GLY A 348 17.62 -3.74 -16.27
C GLY A 348 18.14 -2.33 -16.15
N GLU A 349 17.45 -1.31 -16.66
CA GLU A 349 18.02 0.06 -16.73
C GLU A 349 18.27 0.59 -15.32
N PHE A 350 17.62 0.05 -14.28
CA PHE A 350 17.78 0.55 -12.89
C PHE A 350 18.63 -0.38 -12.06
N LYS A 351 19.27 -1.36 -12.68
CA LYS A 351 20.14 -2.29 -11.92
C LYS A 351 21.33 -1.52 -11.35
N LEU A 352 21.53 -1.62 -10.05
CA LEU A 352 22.63 -0.98 -9.32
C LEU A 352 23.73 -1.97 -9.00
N ARG A 353 24.97 -1.48 -8.92
CA ARG A 353 26.10 -2.29 -8.42
C ARG A 353 25.92 -2.56 -6.91
N THR A 354 26.66 -3.53 -6.37
CA THR A 354 26.47 -4.05 -4.98
C THR A 354 26.34 -2.91 -3.96
N GLU A 355 27.31 -1.99 -3.86
CA GLU A 355 27.28 -1.00 -2.74
C GLU A 355 26.14 -0.01 -2.97
N GLN A 356 25.89 0.40 -4.21
CA GLN A 356 24.79 1.36 -4.50
C GLN A 356 23.48 0.65 -4.15
N ARG A 357 23.34 -0.65 -4.42
CA ARG A 357 22.08 -1.36 -4.08
C ARG A 357 21.89 -1.35 -2.55
N LYS A 358 22.96 -1.56 -1.76
CA LYS A 358 22.85 -1.51 -0.28
C LYS A 358 22.38 -0.14 0.19
N THR A 359 22.89 0.92 -0.42
CA THR A 359 22.47 2.29 -0.07
C THR A 359 20.98 2.47 -0.40
N PHE A 360 20.59 2.04 -1.59
CA PHE A 360 19.18 2.09 -2.07
C PHE A 360 18.27 1.43 -1.02
N VAL A 361 18.61 0.22 -0.61
CA VAL A 361 17.82 -0.53 0.40
C VAL A 361 17.76 0.29 1.68
N GLU A 362 18.88 0.78 2.18
CA GLU A 362 18.89 1.46 3.50
C GLU A 362 18.09 2.76 3.43
N LEU A 363 18.18 3.51 2.33
CA LEU A 363 17.40 4.76 2.15
C LEU A 363 15.89 4.44 2.24
N MET A 364 15.45 3.35 1.66
CA MET A 364 14.00 2.98 1.72
C MET A 364 13.66 2.47 3.12
N LYS A 365 14.48 1.61 3.68
CA LYS A 365 14.10 0.88 4.93
C LYS A 365 14.32 1.78 6.14
N ARG A 366 15.53 2.30 6.34
CA ARG A 366 15.91 3.13 7.51
C ARG A 366 15.54 4.58 7.23
N GLY A 367 15.71 5.06 5.98
CA GLY A 367 15.44 6.47 5.64
C GLY A 367 13.97 6.77 5.40
N ASP A 368 13.18 5.73 5.15
CA ASP A 368 11.74 5.83 4.78
C ASP A 368 11.58 6.78 3.60
N LEU A 369 12.53 6.77 2.66
CA LEU A 369 12.37 7.58 1.43
C LEU A 369 11.56 6.79 0.41
N PRO A 370 10.77 7.49 -0.42
CA PRO A 370 10.10 6.87 -1.55
C PRO A 370 11.12 6.16 -2.44
N VAL A 371 10.69 5.11 -3.12
CA VAL A 371 11.59 4.32 -4.01
C VAL A 371 12.28 5.24 -5.02
N TRP A 372 11.54 6.09 -5.70
CA TRP A 372 12.13 6.93 -6.78
C TRP A 372 13.25 7.79 -6.20
N LEU A 373 13.01 8.41 -5.07
CA LEU A 373 14.00 9.32 -4.45
C LEU A 373 15.21 8.52 -3.95
N ALA A 374 15.00 7.40 -3.29
CA ALA A 374 16.10 6.54 -2.84
C ALA A 374 16.96 6.13 -4.05
N TYR A 375 16.35 5.84 -5.18
CA TYR A 375 17.09 5.43 -6.41
C TYR A 375 17.95 6.59 -6.90
N GLN A 376 17.41 7.80 -6.94
CA GLN A 376 18.20 8.96 -7.44
C GLN A 376 19.47 9.07 -6.59
N VAL A 377 19.31 9.05 -5.27
CA VAL A 377 20.42 9.27 -4.31
C VAL A 377 21.42 8.12 -4.47
N ALA A 378 20.97 6.87 -4.43
CA ALA A 378 21.88 5.69 -4.51
C ALA A 378 22.61 5.64 -5.83
N SER A 379 21.92 5.93 -6.94
CA SER A 379 22.50 5.88 -8.30
CA SER A 379 22.48 5.91 -8.32
C SER A 379 23.55 6.99 -8.48
N ALA A 380 23.48 8.07 -7.71
CA ALA A 380 24.46 9.17 -7.72
C ALA A 380 25.75 8.78 -6.97
N GLY A 381 25.79 7.62 -6.32
CA GLY A 381 26.97 7.17 -5.56
C GLY A 381 27.09 7.82 -4.19
N ILE A 382 26.01 8.44 -3.71
CA ILE A 382 25.93 9.01 -2.34
C ILE A 382 25.73 7.89 -1.31
N THR A 383 26.46 7.94 -0.20
CA THR A 383 26.31 6.99 0.92
C THR A 383 25.14 7.39 1.83
N TYR A 384 24.64 6.43 2.59
CA TYR A 384 23.36 6.62 3.34
C TYR A 384 23.42 7.85 4.25
N THR A 385 24.51 8.09 4.98
CA THR A 385 24.56 9.17 5.99
C THR A 385 25.00 10.52 5.43
N ASP A 386 25.28 10.60 4.12
CA ASP A 386 25.72 11.87 3.49
C ASP A 386 24.50 12.68 3.06
N ARG A 387 24.12 13.70 3.83
CA ARG A 387 22.85 14.44 3.62
C ARG A 387 23.08 15.76 2.87
N ARG A 388 24.28 15.98 2.32
CA ARG A 388 24.56 17.24 1.59
C ARG A 388 23.50 17.48 0.51
N TRP A 389 23.05 16.43 -0.16
CA TRP A 389 22.10 16.52 -1.29
C TRP A 389 20.77 17.15 -0.83
N CYS A 390 20.48 17.15 0.47
CA CYS A 390 19.23 17.73 1.01
C CYS A 390 19.22 19.25 0.89
N PHE A 391 20.37 19.87 0.64
CA PHE A 391 20.53 21.34 0.74
C PHE A 391 21.07 21.95 -0.56
N ASP A 392 21.46 21.17 -1.56
CA ASP A 392 22.25 21.71 -2.71
C ASP A 392 21.45 21.65 -4.01
N GLY A 393 20.12 21.55 -3.94
CA GLY A 393 19.26 21.62 -5.13
C GLY A 393 19.11 23.04 -5.66
N THR A 394 18.43 23.14 -6.80
CA THR A 394 18.03 24.42 -7.44
C THR A 394 16.99 25.09 -6.53
N THR A 395 16.82 26.41 -6.64
CA THR A 395 15.99 27.20 -5.70
C THR A 395 14.51 26.80 -5.81
N ASN A 396 14.08 26.29 -6.96
CA ASN A 396 12.69 25.81 -7.17
C ASN A 396 12.45 24.49 -6.42
N ASN A 397 13.49 23.87 -5.84
CA ASN A 397 13.34 22.62 -5.06
C ASN A 397 13.18 22.98 -3.57
N THR A 398 13.05 24.27 -3.25
CA THR A 398 12.91 24.76 -1.86
C THR A 398 11.62 24.19 -1.28
N ILE A 399 11.71 23.57 -0.12
CA ILE A 399 10.52 23.01 0.58
C ILE A 399 9.96 24.08 1.51
N MET A 400 8.64 24.25 1.50
CA MET A 400 7.92 25.34 2.20
C MET A 400 7.23 24.77 3.43
N GLU A 401 7.30 25.49 4.55
CA GLU A 401 6.60 25.18 5.83
C GLU A 401 5.82 26.43 6.25
N ASP A 402 4.48 26.33 6.28
CA ASP A 402 3.61 27.48 6.65
C ASP A 402 3.92 28.66 5.72
N SER A 403 3.96 28.40 4.41
CA SER A 403 4.21 29.40 3.33
C SER A 403 5.55 30.14 3.51
N VAL A 404 6.50 29.55 4.25
CA VAL A 404 7.89 30.07 4.40
C VAL A 404 8.87 28.91 4.19
N PRO A 405 10.03 29.15 3.52
CA PRO A 405 11.04 28.12 3.31
C PRO A 405 11.41 27.41 4.61
N ALA A 406 11.35 26.07 4.58
CA ALA A 406 11.67 25.19 5.72
C ALA A 406 13.19 25.25 5.97
N GLU A 407 13.57 25.35 7.24
CA GLU A 407 14.97 25.53 7.64
C GLU A 407 15.35 24.37 8.56
N VAL A 408 16.59 23.90 8.42
CA VAL A 408 17.10 22.75 9.21
C VAL A 408 18.47 23.13 9.77
N TRP A 409 18.71 22.83 11.03
CA TRP A 409 20.08 22.90 11.61
C TRP A 409 20.81 21.62 11.21
N THR A 410 21.83 21.75 10.35
CA THR A 410 22.49 20.59 9.69
C THR A 410 23.56 20.00 10.59
N ARG A 411 23.97 18.76 10.29
CA ARG A 411 25.04 18.02 11.04
C ARG A 411 26.35 18.84 11.01
N HIS A 412 26.51 19.74 10.03
CA HIS A 412 27.70 20.60 9.88
C HIS A 412 27.49 21.98 10.54
N GLY A 413 26.49 22.14 11.41
CA GLY A 413 26.35 23.33 12.26
C GLY A 413 26.00 24.59 11.47
N GLU A 414 25.12 24.47 10.48
CA GLU A 414 24.63 25.63 9.70
C GLU A 414 23.10 25.56 9.69
N LYS A 415 22.43 26.71 9.77
CA LYS A 415 20.98 26.81 9.45
C LYS A 415 20.88 26.90 7.93
N ARG A 416 20.25 25.90 7.30
CA ARG A 416 20.16 25.82 5.84
C ARG A 416 18.69 25.58 5.47
N VAL A 417 18.27 26.26 4.39
CA VAL A 417 16.97 26.02 3.73
C VAL A 417 16.97 24.58 3.20
N LEU A 418 15.93 23.82 3.51
CA LEU A 418 15.67 22.50 2.90
C LEU A 418 15.42 22.68 1.41
N LYS A 419 16.31 22.15 0.57
CA LYS A 419 16.33 22.39 -0.89
C LYS A 419 16.98 21.21 -1.58
N PRO A 420 16.30 20.04 -1.60
CA PRO A 420 16.96 18.81 -2.02
C PRO A 420 17.30 18.79 -3.52
N ARG A 421 18.37 18.08 -3.85
CA ARG A 421 18.85 17.95 -5.24
C ARG A 421 17.79 17.29 -6.13
N TRP A 422 17.02 16.36 -5.56
CA TRP A 422 15.88 15.69 -6.22
C TRP A 422 14.66 15.97 -5.38
N MET A 423 13.61 16.52 -5.99
CA MET A 423 12.36 16.87 -5.29
C MET A 423 11.33 15.75 -5.52
N ASP A 424 10.91 15.16 -4.41
CA ASP A 424 9.80 14.18 -4.41
C ASP A 424 8.75 14.73 -3.45
N ALA A 425 7.60 15.20 -3.96
CA ALA A 425 6.57 15.88 -3.16
C ALA A 425 6.06 14.98 -2.04
N ARG A 426 6.29 13.67 -2.11
CA ARG A 426 5.83 12.76 -1.03
C ARG A 426 6.56 13.00 0.28
N VAL A 427 7.75 13.58 0.25
CA VAL A 427 8.49 13.82 1.53
C VAL A 427 7.94 15.02 2.26
N CYS A 428 7.08 15.84 1.65
CA CYS A 428 6.72 17.15 2.25
C CYS A 428 5.26 17.50 2.00
N SER A 429 4.39 16.53 1.78
CA SER A 429 2.97 16.62 1.35
CA SER A 429 3.02 16.92 1.37
C SER A 429 2.02 16.81 2.54
N ASP A 430 2.51 16.57 3.75
CA ASP A 430 1.72 16.71 5.00
C ASP A 430 2.69 16.96 6.15
N HIS A 431 2.17 17.50 7.26
CA HIS A 431 3.01 17.93 8.40
C HIS A 431 3.91 16.79 8.85
N ALA A 432 3.37 15.56 9.02
CA ALA A 432 4.14 14.40 9.54
C ALA A 432 5.25 14.02 8.55
N ALA A 433 4.96 14.02 7.24
CA ALA A 433 5.96 13.64 6.22
C ALA A 433 7.09 14.67 6.29
N LEU A 434 6.77 15.96 6.34
CA LEU A 434 7.82 17.02 6.32
C LEU A 434 8.64 16.93 7.60
N LYS A 435 7.99 16.77 8.76
CA LYS A 435 8.67 16.61 10.07
C LYS A 435 9.74 15.53 9.93
N SER A 436 9.36 14.39 9.36
CA SER A 436 10.24 13.21 9.18
C SER A 436 11.40 13.57 8.24
N PHE A 437 11.11 14.27 7.14
CA PHE A 437 12.14 14.55 6.12
C PHE A 437 13.15 15.57 6.67
N LYS A 438 12.67 16.53 7.47
CA LYS A 438 13.51 17.52 8.15
C LYS A 438 14.50 16.81 9.09
N GLU A 439 14.03 15.84 9.88
CA GLU A 439 14.91 15.06 10.78
C GLU A 439 15.95 14.30 9.95
N PHE A 440 15.52 13.70 8.85
CA PHE A 440 16.38 12.96 7.89
C PHE A 440 17.46 13.91 7.35
N ALA A 441 17.05 15.10 6.92
CA ALA A 441 18.00 16.10 6.36
C ALA A 441 19.02 16.55 7.44
N ALA A 442 18.64 16.52 8.71
CA ALA A 442 19.48 16.93 9.85
C ALA A 442 20.41 15.78 10.25
N GLY A 443 20.25 14.58 9.68
CA GLY A 443 21.00 13.39 10.10
C GLY A 443 20.52 12.84 11.44
N LYS A 444 19.27 13.16 11.82
CA LYS A 444 18.72 12.95 13.20
C LYS A 444 17.61 11.89 13.23
N ARG A 445 17.29 11.23 12.12
CA ARG A 445 16.10 10.35 12.06
C ARG A 445 16.21 9.22 13.10
#